data_6BQ2
#
_entry.id   6BQ2
#
_cell.length_a   80.530
_cell.length_b   80.530
_cell.length_c   164.360
_cell.angle_alpha   90.00
_cell.angle_beta   90.00
_cell.angle_gamma   90.00
#
_symmetry.space_group_name_H-M   'P 43 21 2'
#
loop_
_entity.id
_entity.type
_entity.pdbx_description
1 polymer 'Thermospermine synthase ACAULIS protein'
2 non-polymer 'MAGNESIUM ION'
3 non-polymer 1,2-ETHANEDIOL
4 water water
#
_entity_poly.entity_id   1
_entity_poly.type   'polypeptide(L)'
_entity_poly.pdbx_seq_one_letter_code
;SNAMGEVAYTNGNGNDKSHSPPNGYRKSCWYEEEIEENLRWCFALNSILHTGASQYQDIALLDTKPFGKALVLDGKLQSA
ETDEFIYHECLVHPALLHHPMPKNVFIMGGGEGSTARELLRHKTIDKVVMCDIDEEVVEFCKSYLVVNKEAFHDSRLEVV
INDAKAELEGKEEKYDVIVGDLADPIEGGPCYKLYTKDFYELTLKPKLKKGGIFVTQAGPAGIFSHTEVFSCIYNTLRQV
FKYVVPYSAHIPSYADIWGWVLASDSPLDLSAEELDIRMRQRIIEENRYLDGKTFVSSSTLSKAVRNSLNNETHVYTEGA
ARFIYGHGKNA
;
_entity_poly.pdbx_strand_id   A,B
#
loop_
_chem_comp.id
_chem_comp.type
_chem_comp.name
_chem_comp.formula
EDO non-polymer 1,2-ETHANEDIOL 'C2 H6 O2'
MG non-polymer 'MAGNESIUM ION' 'Mg 2'
#
# COMPACT_ATOMS: atom_id res chain seq x y z
N LYS A 27 3.44 22.67 -14.26
CA LYS A 27 2.22 23.35 -13.74
C LYS A 27 2.55 24.55 -12.87
N SER A 28 1.60 25.49 -12.84
CA SER A 28 1.85 26.80 -12.27
C SER A 28 1.64 26.81 -10.78
N CYS A 29 0.53 26.24 -10.32
CA CYS A 29 0.03 26.47 -8.96
C CYS A 29 -0.01 25.19 -8.17
N TRP A 30 0.50 25.25 -6.93
CA TRP A 30 0.77 24.07 -6.14
C TRP A 30 0.34 24.26 -4.70
N TYR A 31 -0.18 23.20 -4.09
CA TYR A 31 -0.31 23.09 -2.62
C TYR A 31 0.79 22.16 -2.14
N GLU A 32 1.49 22.60 -1.11
CA GLU A 32 2.64 21.91 -0.58
C GLU A 32 2.39 21.53 0.87
N GLU A 33 2.72 20.31 1.23
CA GLU A 33 2.64 19.85 2.59
C GLU A 33 3.86 19.02 2.95
N GLU A 34 4.36 19.25 4.16
CA GLU A 34 5.45 18.49 4.72
C GLU A 34 4.81 17.27 5.36
N ILE A 35 5.06 16.09 4.81
CA ILE A 35 4.58 14.84 5.39
C ILE A 35 5.38 14.48 6.63
N GLU A 36 6.68 14.65 6.54
CA GLU A 36 7.62 14.45 7.66
C GLU A 36 8.72 15.47 7.49
N GLU A 37 9.61 15.60 8.48
CA GLU A 37 10.67 16.62 8.36
C GLU A 37 11.51 16.56 7.08
N ASN A 38 11.68 15.38 6.50
CA ASN A 38 12.56 15.27 5.33
C ASN A 38 11.85 14.90 4.01
N LEU A 39 10.53 15.03 4.00
CA LEU A 39 9.71 14.53 2.93
C LEU A 39 8.55 15.49 2.73
N ARG A 40 8.44 16.01 1.50
CA ARG A 40 7.34 16.95 1.12
C ARG A 40 6.62 16.46 -0.12
N TRP A 41 5.32 16.74 -0.16
CA TRP A 41 4.33 16.33 -1.16
C TRP A 41 3.72 17.60 -1.78
N CYS A 42 3.59 17.70 -3.11
CA CYS A 42 3.00 18.91 -3.69
C CYS A 42 2.00 18.45 -4.71
N PHE A 43 0.81 19.03 -4.67
CA PHE A 43 -0.28 18.72 -5.61
C PHE A 43 -0.56 19.93 -6.46
N ALA A 44 -0.79 19.72 -7.74
CA ALA A 44 -1.18 20.85 -8.58
C ALA A 44 -2.61 21.32 -8.23
N LEU A 45 -2.81 22.64 -8.25
CA LEU A 45 -4.07 23.24 -7.91
C LEU A 45 -4.83 23.82 -9.10
N ASN A 46 -6.16 23.63 -9.10
CA ASN A 46 -7.09 24.34 -10.02
C ASN A 46 -7.58 25.60 -9.41
N SER A 47 -7.95 25.54 -8.13
CA SER A 47 -8.37 26.73 -7.42
C SER A 47 -8.47 26.52 -5.94
N ILE A 48 -8.69 27.63 -5.25
CA ILE A 48 -8.94 27.64 -3.84
C ILE A 48 -10.42 27.97 -3.72
N LEU A 49 -11.25 26.99 -3.35
CA LEU A 49 -12.71 27.09 -3.54
C LEU A 49 -13.43 27.86 -2.45
N HIS A 50 -13.10 27.54 -1.21
CA HIS A 50 -13.68 28.19 -0.04
C HIS A 50 -12.67 28.23 1.06
N THR A 51 -12.81 29.24 1.90
CA THR A 51 -12.00 29.38 3.10
C THR A 51 -12.91 29.70 4.28
N GLY A 52 -12.40 29.41 5.46
CA GLY A 52 -13.09 29.70 6.67
C GLY A 52 -12.07 29.74 7.78
N ALA A 53 -12.56 29.95 8.99
CA ALA A 53 -11.77 29.64 10.16
C ALA A 53 -12.69 29.45 11.33
N SER A 54 -12.15 28.78 12.33
CA SER A 54 -12.68 28.78 13.64
C SER A 54 -11.66 29.51 14.49
N GLN A 55 -12.02 29.76 15.73
CA GLN A 55 -11.04 30.09 16.77
C GLN A 55 -9.92 29.05 16.86
N TYR A 56 -10.24 27.79 16.54
CA TYR A 56 -9.29 26.67 16.63
C TYR A 56 -8.29 26.58 15.44
N GLN A 57 -8.78 26.62 14.20
CA GLN A 57 -7.99 26.21 13.00
C GLN A 57 -8.29 27.02 11.75
N ASP A 58 -7.35 27.03 10.81
CA ASP A 58 -7.64 27.54 9.47
C ASP A 58 -8.28 26.44 8.62
N ILE A 59 -9.20 26.80 7.74
CA ILE A 59 -9.98 25.85 6.96
C ILE A 59 -9.89 26.24 5.51
N ALA A 60 -9.62 25.28 4.64
CA ALA A 60 -9.66 25.52 3.20
C ALA A 60 -10.21 24.33 2.46
N LEU A 61 -10.94 24.59 1.39
CA LEU A 61 -11.33 23.59 0.43
C LEU A 61 -10.63 23.96 -0.88
N LEU A 62 -9.72 23.11 -1.32
CA LEU A 62 -8.95 23.29 -2.52
C LEU A 62 -9.53 22.42 -3.60
N ASP A 63 -9.48 22.89 -4.83
CA ASP A 63 -9.72 22.03 -5.98
C ASP A 63 -8.34 21.63 -6.54
N THR A 64 -7.98 20.38 -6.34
CA THR A 64 -6.67 19.86 -6.72
C THR A 64 -6.76 18.97 -7.92
N LYS A 65 -5.70 18.96 -8.71
CA LYS A 65 -5.69 18.18 -9.93
C LYS A 65 -5.59 16.72 -9.65
N PRO A 66 -4.62 16.28 -8.80
CA PRO A 66 -4.57 14.80 -8.64
C PRO A 66 -5.71 14.17 -7.80
N PHE A 67 -6.22 14.90 -6.80
CA PHE A 67 -7.14 14.35 -5.80
C PHE A 67 -8.54 15.00 -5.69
N GLY A 68 -8.87 15.88 -6.62
CA GLY A 68 -10.13 16.58 -6.56
C GLY A 68 -10.21 17.52 -5.40
N LYS A 69 -11.41 17.71 -4.89
CA LYS A 69 -11.60 18.65 -3.84
C LYS A 69 -10.96 18.11 -2.58
N ALA A 70 -10.22 18.97 -1.89
CA ALA A 70 -9.44 18.57 -0.76
C ALA A 70 -9.68 19.52 0.41
N LEU A 71 -10.06 18.92 1.54
CA LEU A 71 -10.21 19.66 2.79
C LEU A 71 -8.90 19.74 3.53
N VAL A 72 -8.48 20.97 3.85
CA VAL A 72 -7.21 21.19 4.50
C VAL A 72 -7.48 21.98 5.80
N LEU A 73 -6.98 21.46 6.92
CA LEU A 73 -7.12 22.11 8.22
C LEU A 73 -5.73 22.37 8.77
N ASP A 74 -5.45 23.62 9.08
CA ASP A 74 -4.12 24.07 9.50
C ASP A 74 -3.01 23.61 8.58
N GLY A 75 -3.25 23.69 7.28
CA GLY A 75 -2.30 23.25 6.28
C GLY A 75 -1.99 21.76 6.24
N LYS A 76 -2.90 20.93 6.76
CA LYS A 76 -2.76 19.49 6.70
C LYS A 76 -3.98 19.01 5.96
N LEU A 77 -3.76 18.26 4.90
CA LEU A 77 -4.82 17.60 4.17
C LEU A 77 -5.57 16.64 5.08
N GLN A 78 -6.89 16.78 5.11
CA GLN A 78 -7.76 15.91 5.91
C GLN A 78 -8.48 14.87 5.08
N SER A 79 -8.93 15.24 3.89
CA SER A 79 -9.83 14.41 3.10
C SER A 79 -9.69 14.86 1.68
N ALA A 80 -9.65 13.90 0.75
CA ALA A 80 -9.60 14.17 -0.68
C ALA A 80 -10.71 13.46 -1.39
N GLU A 81 -11.35 14.16 -2.32
CA GLU A 81 -12.50 13.66 -3.00
C GLU A 81 -12.31 12.29 -3.65
N THR A 82 -11.15 12.07 -4.23
CA THR A 82 -10.94 10.87 -5.04
C THR A 82 -10.80 9.63 -4.20
N ASP A 83 -10.28 9.74 -3.00
CA ASP A 83 -10.06 8.53 -2.18
C ASP A 83 -10.56 8.51 -0.77
N GLU A 84 -11.33 9.50 -0.34
CA GLU A 84 -11.86 9.44 1.02
C GLU A 84 -12.75 8.21 1.22
N PHE A 85 -13.35 7.72 0.14
CA PHE A 85 -14.21 6.49 0.26
C PHE A 85 -13.43 5.31 0.80
N ILE A 86 -12.14 5.21 0.47
CA ILE A 86 -11.31 4.12 0.96
C ILE A 86 -11.18 4.22 2.48
N TYR A 87 -10.79 5.39 2.94
CA TYR A 87 -10.61 5.62 4.36
C TYR A 87 -11.90 5.34 5.14
N HIS A 88 -13.01 5.90 4.69
CA HIS A 88 -14.27 5.78 5.42
C HIS A 88 -14.90 4.40 5.30
N GLU A 89 -14.79 3.72 4.16
CA GLU A 89 -15.24 2.35 4.09
C GLU A 89 -14.41 1.44 5.06
N CYS A 90 -13.10 1.63 5.06
CA CYS A 90 -12.24 0.87 5.94
C CYS A 90 -12.44 1.14 7.40
N LEU A 91 -12.68 2.38 7.73
CA LEU A 91 -12.89 2.78 9.12
C LEU A 91 -14.19 2.16 9.67
N VAL A 92 -15.25 2.10 8.86
CA VAL A 92 -16.60 1.85 9.37
C VAL A 92 -17.12 0.44 9.18
N HIS A 93 -17.00 -0.10 7.97
CA HIS A 93 -17.74 -1.31 7.64
C HIS A 93 -17.28 -2.58 8.38
N PRO A 94 -15.96 -2.77 8.56
CA PRO A 94 -15.57 -4.01 9.28
C PRO A 94 -16.15 -4.11 10.66
N ALA A 95 -16.13 -3.03 11.42
CA ALA A 95 -16.62 -3.07 12.80
C ALA A 95 -18.10 -3.45 12.81
N LEU A 96 -18.91 -2.77 12.00
CA LEU A 96 -20.34 -3.02 12.00
C LEU A 96 -20.68 -4.42 11.48
N LEU A 97 -19.94 -4.88 10.50
CA LEU A 97 -20.22 -6.19 9.91
C LEU A 97 -19.92 -7.35 10.87
N HIS A 98 -18.96 -7.16 11.76
CA HIS A 98 -18.62 -8.18 12.73
C HIS A 98 -19.58 -8.17 13.92
N HIS A 99 -20.42 -7.16 14.05
CA HIS A 99 -21.41 -7.10 15.14
C HIS A 99 -22.68 -7.80 14.65
N PRO A 100 -23.39 -8.54 15.53
CA PRO A 100 -24.57 -9.28 15.06
C PRO A 100 -25.73 -8.39 14.65
N MET A 101 -25.88 -7.26 15.33
CA MET A 101 -26.95 -6.31 15.04
C MET A 101 -26.67 -4.95 15.64
N PRO A 102 -25.86 -4.13 14.95
CA PRO A 102 -25.46 -2.83 15.52
C PRO A 102 -26.52 -1.81 15.26
N LYS A 103 -27.04 -1.19 16.34
CA LYS A 103 -28.12 -0.23 16.23
C LYS A 103 -27.71 1.24 16.51
N ASN A 104 -26.86 1.48 17.50
CA ASN A 104 -26.39 2.81 17.78
C ASN A 104 -24.85 2.86 17.79
N VAL A 105 -24.37 4.01 17.36
CA VAL A 105 -22.93 4.20 17.22
C VAL A 105 -22.57 5.62 17.61
N PHE A 106 -21.43 5.76 18.30
CA PHE A 106 -20.89 7.04 18.71
C PHE A 106 -19.56 7.25 18.01
N ILE A 107 -19.36 8.41 17.41
CA ILE A 107 -18.13 8.74 16.69
C ILE A 107 -17.41 9.82 17.47
N MET A 108 -16.18 9.52 17.84
CA MET A 108 -15.28 10.52 18.43
C MET A 108 -14.61 11.23 17.24
N GLY A 109 -14.99 12.49 17.00
CA GLY A 109 -14.54 13.26 15.83
C GLY A 109 -15.47 13.11 14.65
N GLY A 110 -14.93 12.78 13.48
CA GLY A 110 -15.75 12.58 12.29
C GLY A 110 -16.42 13.80 11.72
N GLY A 111 -15.85 14.99 12.03
CA GLY A 111 -16.49 16.29 11.72
C GLY A 111 -16.89 16.47 10.27
N GLU A 112 -16.17 15.85 9.33
CA GLU A 112 -16.50 16.10 7.92
CA GLU A 112 -16.44 16.00 7.90
C GLU A 112 -17.81 15.47 7.46
N GLY A 113 -18.33 14.49 8.20
CA GLY A 113 -19.62 13.89 7.89
C GLY A 113 -19.54 12.56 7.14
N SER A 114 -18.33 12.18 6.68
CA SER A 114 -18.16 10.98 5.84
C SER A 114 -18.25 9.67 6.60
N THR A 115 -17.71 9.68 7.82
CA THR A 115 -17.90 8.53 8.73
C THR A 115 -19.37 8.26 8.99
N ALA A 116 -20.14 9.32 9.30
CA ALA A 116 -21.56 9.18 9.51
C ALA A 116 -22.24 8.71 8.23
N ARG A 117 -21.85 9.25 7.09
CA ARG A 117 -22.38 8.80 5.78
C ARG A 117 -22.30 7.32 5.65
N GLU A 118 -21.11 6.75 5.89
CA GLU A 118 -20.96 5.31 5.73
C GLU A 118 -21.74 4.50 6.75
N LEU A 119 -21.78 4.94 7.99
CA LEU A 119 -22.54 4.27 9.02
C LEU A 119 -24.06 4.23 8.67
N LEU A 120 -24.55 5.31 8.12
CA LEU A 120 -26.00 5.47 7.81
C LEU A 120 -26.42 4.58 6.66
N ARG A 121 -25.45 4.02 5.93
CA ARG A 121 -25.78 3.01 4.93
C ARG A 121 -26.21 1.68 5.52
N HIS A 122 -25.94 1.45 6.82
CA HIS A 122 -26.35 0.19 7.43
C HIS A 122 -27.81 0.20 7.82
N LYS A 123 -28.51 -0.86 7.42
CA LYS A 123 -29.98 -0.96 7.59
C LYS A 123 -30.37 -1.24 9.02
N THR A 124 -29.42 -1.69 9.85
CA THR A 124 -29.68 -1.96 11.26
C THR A 124 -29.55 -0.70 12.16
N ILE A 125 -28.88 0.33 11.64
CA ILE A 125 -28.50 1.51 12.45
C ILE A 125 -29.71 2.44 12.61
N ASP A 126 -30.03 2.79 13.86
CA ASP A 126 -31.11 3.77 14.17
C ASP A 126 -30.62 5.06 14.85
N LYS A 127 -29.35 5.12 15.24
CA LYS A 127 -28.80 6.32 15.84
C LYS A 127 -27.30 6.43 15.61
N VAL A 128 -26.88 7.56 15.06
CA VAL A 128 -25.47 7.90 14.95
C VAL A 128 -25.24 9.21 15.68
N VAL A 129 -24.32 9.23 16.64
CA VAL A 129 -23.87 10.45 17.28
C VAL A 129 -22.45 10.78 16.78
N MET A 130 -22.28 12.01 16.32
CA MET A 130 -21.01 12.53 15.83
C MET A 130 -20.60 13.60 16.84
N CYS A 131 -19.50 13.38 17.56
CA CYS A 131 -19.07 14.27 18.65
C CYS A 131 -17.71 14.91 18.30
N ASP A 132 -17.73 16.18 17.91
CA ASP A 132 -16.48 16.89 17.53
C ASP A 132 -16.42 18.23 18.19
N ILE A 133 -15.23 18.74 18.40
CA ILE A 133 -15.02 19.93 19.21
C ILE A 133 -15.24 21.23 18.40
N ASP A 134 -15.05 21.16 17.08
CA ASP A 134 -15.01 22.35 16.23
C ASP A 134 -16.28 22.52 15.42
N GLU A 135 -17.23 23.27 15.96
CA GLU A 135 -18.51 23.46 15.28
C GLU A 135 -18.36 24.08 13.91
N GLU A 136 -17.41 25.01 13.75
CA GLU A 136 -17.25 25.72 12.45
C GLU A 136 -16.76 24.80 11.35
N VAL A 137 -15.93 23.81 11.69
CA VAL A 137 -15.54 22.78 10.69
C VAL A 137 -16.76 21.97 10.26
N VAL A 138 -17.58 21.54 11.21
CA VAL A 138 -18.78 20.74 10.88
C VAL A 138 -19.70 21.53 9.93
N GLU A 139 -19.94 22.80 10.28
CA GLU A 139 -20.81 23.65 9.44
C GLU A 139 -20.20 23.87 8.07
N PHE A 140 -18.88 24.06 8.03
CA PHE A 140 -18.15 24.25 6.75
C PHE A 140 -18.36 23.03 5.88
N CYS A 141 -18.18 21.85 6.47
CA CYS A 141 -18.38 20.62 5.70
C CYS A 141 -19.83 20.37 5.37
N LYS A 142 -20.77 20.66 6.29
CA LYS A 142 -22.20 20.56 5.95
C LYS A 142 -22.53 21.46 4.75
N SER A 143 -22.00 22.69 4.74
CA SER A 143 -22.16 23.60 3.57
C SER A 143 -21.52 23.10 2.30
N TYR A 144 -20.26 22.70 2.39
CA TYR A 144 -19.44 22.58 1.18
C TYR A 144 -18.99 21.20 0.77
N LEU A 145 -19.18 20.16 1.60
CA LEU A 145 -18.89 18.78 1.17
C LEU A 145 -20.16 18.09 0.70
N VAL A 146 -20.43 18.25 -0.58
CA VAL A 146 -21.64 17.82 -1.25
C VAL A 146 -21.91 16.33 -1.07
N VAL A 147 -20.84 15.54 -1.04
CA VAL A 147 -20.97 14.09 -0.84
C VAL A 147 -21.74 13.71 0.45
N ASN A 148 -21.67 14.56 1.47
CA ASN A 148 -22.29 14.27 2.76
C ASN A 148 -23.62 15.01 3.03
N LYS A 149 -24.17 15.67 2.02
CA LYS A 149 -25.42 16.46 2.21
C LYS A 149 -26.57 15.58 2.73
N GLU A 150 -26.78 14.41 2.14
CA GLU A 150 -27.81 13.47 2.59
C GLU A 150 -27.57 12.98 4.01
N ALA A 151 -26.31 12.61 4.31
CA ALA A 151 -25.96 12.13 5.66
C ALA A 151 -26.30 13.17 6.71
N PHE A 152 -25.90 14.41 6.43
CA PHE A 152 -26.18 15.49 7.38
C PHE A 152 -27.69 15.73 7.53
N HIS A 153 -28.49 15.38 6.55
CA HIS A 153 -29.98 15.52 6.72
C HIS A 153 -30.70 14.31 7.33
N ASP A 154 -29.99 13.20 7.55
CA ASP A 154 -30.62 11.99 7.98
C ASP A 154 -31.12 12.16 9.44
N SER A 155 -32.36 11.79 9.70
CA SER A 155 -32.96 11.96 11.01
C SER A 155 -32.30 11.10 12.09
N ARG A 156 -31.54 10.08 11.70
CA ARG A 156 -30.79 9.26 12.67
C ARG A 156 -29.51 9.90 13.20
N LEU A 157 -29.10 11.04 12.63
CA LEU A 157 -27.84 11.67 12.98
C LEU A 157 -28.02 12.75 14.02
N GLU A 158 -27.21 12.70 15.07
CA GLU A 158 -27.16 13.79 16.01
C GLU A 158 -25.72 14.34 16.00
N VAL A 159 -25.57 15.65 15.89
CA VAL A 159 -24.26 16.29 15.99
C VAL A 159 -24.10 16.94 17.34
N VAL A 160 -23.05 16.56 18.04
CA VAL A 160 -22.77 17.04 19.39
C VAL A 160 -21.45 17.82 19.31
N ILE A 161 -21.45 19.05 19.83
CA ILE A 161 -20.21 19.84 19.86
C ILE A 161 -19.65 19.73 21.25
N ASN A 162 -18.65 18.89 21.43
CA ASN A 162 -18.03 18.65 22.74
C ASN A 162 -16.73 17.85 22.54
N ASP A 163 -15.93 17.77 23.60
CA ASP A 163 -14.80 16.86 23.68
C ASP A 163 -15.38 15.46 23.88
N ALA A 164 -14.88 14.47 23.17
CA ALA A 164 -15.47 13.14 23.25
C ALA A 164 -15.37 12.48 24.63
N LYS A 165 -14.29 12.69 25.37
CA LYS A 165 -14.20 12.10 26.73
C LYS A 165 -15.33 12.65 27.61
N ALA A 166 -15.47 13.98 27.64
CA ALA A 166 -16.51 14.69 28.42
C ALA A 166 -17.90 14.25 27.98
N GLU A 167 -18.12 14.08 26.68
CA GLU A 167 -19.44 13.66 26.23
C GLU A 167 -19.74 12.23 26.65
N LEU A 168 -18.77 11.33 26.48
CA LEU A 168 -18.96 9.94 26.91
C LEU A 168 -19.12 9.80 28.44
N GLU A 169 -18.36 10.56 29.21
CA GLU A 169 -18.49 10.52 30.68
C GLU A 169 -19.84 11.01 31.19
N GLY A 170 -20.35 12.07 30.57
CA GLY A 170 -21.55 12.77 31.01
C GLY A 170 -22.89 12.22 30.56
N LYS A 171 -22.92 11.12 29.82
CA LYS A 171 -24.19 10.52 29.46
C LYS A 171 -24.16 9.04 29.76
N GLU A 172 -25.31 8.49 30.11
CA GLU A 172 -25.35 7.08 30.48
C GLU A 172 -25.58 6.14 29.28
N GLU A 173 -25.94 6.68 28.11
CA GLU A 173 -26.25 5.81 26.97
C GLU A 173 -25.01 4.97 26.63
N LYS A 174 -25.23 3.70 26.36
CA LYS A 174 -24.19 2.80 25.88
C LYS A 174 -24.41 2.54 24.40
N TYR A 175 -23.34 2.12 23.70
CA TYR A 175 -23.37 1.96 22.26
C TYR A 175 -22.91 0.59 21.80
N ASP A 176 -23.47 0.15 20.69
CA ASP A 176 -23.05 -1.10 20.04
C ASP A 176 -21.66 -0.99 19.40
N VAL A 177 -21.39 0.17 18.81
CA VAL A 177 -20.12 0.48 18.19
C VAL A 177 -19.69 1.88 18.57
N ILE A 178 -18.39 2.05 18.88
CA ILE A 178 -17.80 3.35 19.04
C ILE A 178 -16.66 3.45 18.02
N VAL A 179 -16.58 4.58 17.35
CA VAL A 179 -15.64 4.81 16.26
C VAL A 179 -14.71 5.95 16.66
N GLY A 180 -13.41 5.69 16.66
CA GLY A 180 -12.40 6.73 16.82
C GLY A 180 -12.02 7.32 15.49
N ASP A 181 -12.45 8.54 15.22
CA ASP A 181 -12.10 9.25 13.98
C ASP A 181 -11.58 10.66 14.29
N LEU A 182 -10.55 10.69 15.13
CA LEU A 182 -9.90 11.88 15.61
C LEU A 182 -8.60 12.10 14.80
N ALA A 183 -7.82 13.10 15.22
CA ALA A 183 -6.40 13.23 14.80
C ALA A 183 -5.47 12.19 15.49
N ASP A 184 -4.33 11.87 14.84
CA ASP A 184 -3.28 11.02 15.44
C ASP A 184 -2.82 11.54 16.82
N PRO A 185 -2.49 10.62 17.76
CA PRO A 185 -2.15 11.04 19.15
C PRO A 185 -0.86 11.86 19.28
N GLY A 189 -0.87 16.95 22.34
CA GLY A 189 -2.08 17.54 21.77
C GLY A 189 -3.37 17.13 22.47
N PRO A 190 -4.51 17.72 22.05
CA PRO A 190 -5.82 17.48 22.70
C PRO A 190 -6.39 16.06 22.53
N CYS A 191 -6.03 15.38 21.45
CA CYS A 191 -6.57 14.05 21.13
C CYS A 191 -5.81 12.90 21.80
N TYR A 192 -4.57 13.14 22.20
CA TYR A 192 -3.71 12.10 22.83
C TYR A 192 -4.36 11.31 23.97
N LYS A 193 -5.14 12.01 24.79
CA LYS A 193 -5.81 11.40 25.94
C LYS A 193 -6.87 10.38 25.53
N LEU A 194 -7.34 10.46 24.27
CA LEU A 194 -8.36 9.55 23.78
C LEU A 194 -7.76 8.28 23.19
N TYR A 195 -6.46 8.04 23.41
CA TYR A 195 -5.81 6.75 23.08
C TYR A 195 -5.12 6.06 24.26
N THR A 196 -5.38 6.49 25.49
CA THR A 196 -4.65 5.92 26.61
C THR A 196 -5.33 4.66 27.14
N LYS A 197 -4.55 3.81 27.76
CA LYS A 197 -5.07 2.62 28.43
C LYS A 197 -6.18 2.98 29.44
N ASP A 198 -5.93 4.02 30.24
CA ASP A 198 -6.91 4.50 31.23
C ASP A 198 -8.24 4.95 30.60
N PHE A 199 -8.16 5.75 29.54
CA PHE A 199 -9.35 6.14 28.77
C PHE A 199 -10.14 4.92 28.26
N TYR A 200 -9.45 4.01 27.60
CA TYR A 200 -10.09 2.83 27.08
C TYR A 200 -10.79 1.98 28.17
N GLU A 201 -10.03 1.73 29.24
CA GLU A 201 -10.44 0.82 30.33
C GLU A 201 -11.56 1.40 31.17
N LEU A 202 -11.43 2.67 31.53
CA LEU A 202 -12.35 3.28 32.50
C LEU A 202 -13.43 4.19 31.92
N THR A 203 -13.25 4.71 30.71
CA THR A 203 -14.27 5.57 30.10
C THR A 203 -14.98 4.95 28.91
N LEU A 204 -14.21 4.33 28.01
CA LEU A 204 -14.77 3.89 26.72
C LEU A 204 -15.53 2.57 26.83
N LYS A 205 -14.91 1.52 27.37
CA LYS A 205 -15.66 0.25 27.61
C LYS A 205 -16.94 0.34 28.42
N PRO A 206 -16.94 1.11 29.51
CA PRO A 206 -18.24 1.23 30.19
C PRO A 206 -19.38 1.81 29.36
N LYS A 207 -19.10 2.42 28.21
CA LYS A 207 -20.14 2.90 27.31
C LYS A 207 -20.34 1.96 26.11
N LEU A 208 -19.66 0.82 26.08
CA LEU A 208 -19.94 -0.23 25.10
C LEU A 208 -20.92 -1.22 25.66
N LYS A 209 -21.96 -1.53 24.89
CA LYS A 209 -22.89 -2.58 25.28
C LYS A 209 -22.23 -3.93 25.21
N LYS A 210 -22.91 -4.93 25.79
CA LYS A 210 -22.45 -6.31 25.70
C LYS A 210 -22.30 -6.67 24.21
N GLY A 211 -21.17 -7.26 23.83
CA GLY A 211 -20.90 -7.65 22.44
C GLY A 211 -20.45 -6.47 21.59
N GLY A 212 -20.24 -5.33 22.22
CA GLY A 212 -19.86 -4.11 21.51
C GLY A 212 -18.49 -4.21 20.85
N ILE A 213 -18.28 -3.34 19.87
CA ILE A 213 -17.03 -3.29 19.11
C ILE A 213 -16.56 -1.84 19.03
N PHE A 214 -15.26 -1.64 19.26
CA PHE A 214 -14.57 -0.37 19.10
C PHE A 214 -13.68 -0.48 17.86
N VAL A 215 -13.62 0.60 17.10
CA VAL A 215 -12.64 0.70 16.04
C VAL A 215 -12.06 2.10 16.12
N THR A 216 -10.77 2.22 15.91
CA THR A 216 -10.13 3.52 15.78
C THR A 216 -9.23 3.57 14.57
N GLN A 217 -9.16 4.72 13.93
CA GLN A 217 -8.06 4.99 12.99
C GLN A 217 -6.79 5.02 13.84
N ALA A 218 -5.69 4.55 13.26
CA ALA A 218 -4.47 4.37 14.01
C ALA A 218 -3.22 4.85 13.31
N GLY A 219 -3.36 5.87 12.46
CA GLY A 219 -2.22 6.58 11.90
C GLY A 219 -1.55 5.83 10.76
N PRO A 220 -0.38 6.29 10.34
CA PRO A 220 0.36 5.61 9.26
C PRO A 220 0.69 4.18 9.62
N ALA A 221 0.67 3.29 8.66
CA ALA A 221 0.90 1.85 8.86
C ALA A 221 1.87 1.28 7.80
N GLY A 222 2.81 2.14 7.37
CA GLY A 222 3.85 1.80 6.39
C GLY A 222 4.90 0.91 7.05
N ILE A 223 5.72 0.29 6.21
CA ILE A 223 6.73 -0.65 6.66
C ILE A 223 7.62 -0.05 7.75
N PHE A 224 7.96 1.22 7.66
CA PHE A 224 8.63 1.93 8.75
C PHE A 224 7.77 2.94 9.52
N SER A 225 6.81 3.57 8.84
CA SER A 225 6.00 4.62 9.45
C SER A 225 5.08 4.11 10.51
N HIS A 226 4.81 2.80 10.51
CA HIS A 226 3.90 2.21 11.49
C HIS A 226 4.34 2.28 12.96
N THR A 227 5.62 2.50 13.21
CA THR A 227 6.14 2.55 14.57
C THR A 227 5.79 3.86 15.28
N GLU A 228 5.35 4.89 14.54
CA GLU A 228 5.14 6.20 15.12
C GLU A 228 3.99 6.09 16.13
N VAL A 229 2.87 5.56 15.68
CA VAL A 229 1.65 5.45 16.51
C VAL A 229 0.86 4.18 16.32
N PHE A 230 0.83 3.60 15.13
CA PHE A 230 0.01 2.42 14.88
C PHE A 230 0.37 1.29 15.82
N SER A 231 1.65 1.02 15.98
CA SER A 231 2.09 -0.07 16.83
C SER A 231 1.72 0.20 18.29
N CYS A 232 1.81 1.45 18.70
CA CYS A 232 1.45 1.84 20.11
C CYS A 232 -0.05 1.77 20.38
N ILE A 233 -0.85 2.16 19.40
CA ILE A 233 -2.30 2.05 19.53
C ILE A 233 -2.75 0.59 19.60
N TYR A 234 -2.17 -0.26 18.75
CA TYR A 234 -2.44 -1.66 18.74
C TYR A 234 -2.09 -2.29 20.09
N ASN A 235 -0.89 -2.01 20.58
CA ASN A 235 -0.44 -2.55 21.85
C ASN A 235 -1.26 -2.03 23.03
N THR A 236 -1.58 -0.76 23.03
CA THR A 236 -2.42 -0.23 24.10
C THR A 236 -3.78 -0.94 24.10
N LEU A 237 -4.43 -1.13 22.93
CA LEU A 237 -5.73 -1.82 22.91
C LEU A 237 -5.65 -3.31 23.33
N ARG A 238 -4.50 -3.91 23.04
CA ARG A 238 -4.23 -5.31 23.39
C ARG A 238 -4.24 -5.50 24.94
N GLN A 239 -3.99 -4.43 25.68
CA GLN A 239 -3.98 -4.45 27.17
C GLN A 239 -5.36 -4.46 27.75
N VAL A 240 -6.34 -3.97 27.00
CA VAL A 240 -7.66 -3.67 27.45
C VAL A 240 -8.76 -4.61 26.94
N PHE A 241 -8.67 -5.04 25.69
CA PHE A 241 -9.71 -5.85 25.07
C PHE A 241 -9.16 -7.23 24.76
N LYS A 242 -10.03 -8.23 24.81
CA LYS A 242 -9.64 -9.60 24.65
C LYS A 242 -9.20 -9.91 23.21
N TYR A 243 -9.90 -9.31 22.25
CA TYR A 243 -9.71 -9.56 20.82
C TYR A 243 -9.40 -8.23 20.13
N VAL A 244 -8.27 -8.18 19.43
CA VAL A 244 -7.81 -6.97 18.74
C VAL A 244 -7.31 -7.35 17.32
N VAL A 245 -7.82 -6.69 16.30
CA VAL A 245 -7.48 -6.98 14.91
C VAL A 245 -7.02 -5.67 14.23
N PRO A 246 -5.71 -5.54 13.97
CA PRO A 246 -5.17 -4.43 13.23
C PRO A 246 -5.28 -4.71 11.74
N TYR A 247 -5.51 -3.65 10.97
CA TYR A 247 -5.60 -3.80 9.53
C TYR A 247 -5.23 -2.52 8.84
N SER A 248 -4.93 -2.57 7.56
CA SER A 248 -4.41 -1.39 6.89
C SER A 248 -4.72 -1.36 5.42
N ALA A 249 -4.60 -0.19 4.81
CA ALA A 249 -4.85 -0.03 3.37
C ALA A 249 -4.20 1.24 2.87
N HIS A 250 -3.74 1.21 1.63
CA HIS A 250 -3.18 2.41 0.97
C HIS A 250 -4.24 3.49 0.72
N ILE A 251 -3.93 4.72 1.10
CA ILE A 251 -4.77 5.87 0.72
C ILE A 251 -3.84 6.82 -0.03
N PRO A 252 -3.99 6.94 -1.36
CA PRO A 252 -3.07 7.75 -2.16
C PRO A 252 -2.84 9.16 -1.62
N SER A 253 -3.92 9.84 -1.26
CA SER A 253 -3.80 11.24 -0.78
C SER A 253 -3.15 11.40 0.60
N TYR A 254 -3.01 10.32 1.33
CA TYR A 254 -2.32 10.33 2.64
C TYR A 254 -0.85 10.04 2.50
N ALA A 255 -0.40 9.67 1.29
CA ALA A 255 0.97 9.39 1.01
C ALA A 255 1.55 8.18 1.77
N ASP A 256 0.66 7.26 2.19
CA ASP A 256 1.11 6.14 2.98
C ASP A 256 -0.01 5.10 3.02
N ILE A 257 0.36 3.95 3.54
CA ILE A 257 -0.56 2.95 4.06
C ILE A 257 -1.10 3.58 5.38
N TRP A 258 -2.41 3.44 5.56
CA TRP A 258 -3.05 3.86 6.78
C TRP A 258 -3.54 2.66 7.55
N GLY A 259 -3.65 2.83 8.85
CA GLY A 259 -4.08 1.79 9.73
C GLY A 259 -5.32 2.07 10.56
N TRP A 260 -5.93 0.97 10.97
CA TRP A 260 -7.12 0.92 11.87
C TRP A 260 -6.96 -0.27 12.80
N VAL A 261 -7.61 -0.20 13.96
CA VAL A 261 -7.66 -1.34 14.88
C VAL A 261 -9.08 -1.58 15.36
N LEU A 262 -9.53 -2.83 15.19
CA LEU A 262 -10.78 -3.33 15.79
C LEU A 262 -10.47 -3.92 17.13
N ALA A 263 -11.37 -3.71 18.10
CA ALA A 263 -11.23 -4.27 19.39
C ALA A 263 -12.59 -4.64 19.98
N SER A 264 -12.66 -5.81 20.62
CA SER A 264 -13.89 -6.26 21.26
C SER A 264 -13.56 -7.27 22.35
N ASP A 265 -14.51 -7.50 23.25
CA ASP A 265 -14.39 -8.64 24.16
C ASP A 265 -15.06 -9.89 23.60
N SER A 266 -15.69 -9.79 22.43
CA SER A 266 -16.15 -10.97 21.65
C SER A 266 -15.30 -11.17 20.40
N PRO A 267 -15.19 -12.42 19.93
CA PRO A 267 -14.38 -12.74 18.76
C PRO A 267 -14.66 -11.86 17.53
N LEU A 268 -13.60 -11.58 16.80
CA LEU A 268 -13.67 -10.85 15.56
C LEU A 268 -13.16 -11.80 14.48
N ASP A 269 -14.03 -12.68 14.01
CA ASP A 269 -13.60 -13.73 13.05
C ASP A 269 -14.70 -14.10 12.08
N LEU A 270 -14.70 -13.49 10.92
CA LEU A 270 -15.58 -13.85 9.85
C LEU A 270 -14.77 -14.15 8.62
N SER A 271 -15.23 -15.10 7.83
CA SER A 271 -14.62 -15.37 6.54
C SER A 271 -14.97 -14.26 5.54
N ALA A 272 -14.19 -14.18 4.47
CA ALA A 272 -14.52 -13.31 3.33
C ALA A 272 -15.94 -13.55 2.83
N GLU A 273 -16.33 -14.82 2.73
CA GLU A 273 -17.66 -15.20 2.22
C GLU A 273 -18.78 -14.67 3.13
N GLU A 274 -18.63 -14.85 4.42
CA GLU A 274 -19.61 -14.32 5.38
C GLU A 274 -19.65 -12.81 5.38
N LEU A 275 -18.49 -12.18 5.27
CA LEU A 275 -18.48 -10.73 5.15
C LEU A 275 -19.26 -10.24 3.94
N ASP A 276 -19.06 -10.87 2.79
CA ASP A 276 -19.79 -10.49 1.57
C ASP A 276 -21.30 -10.69 1.72
N ILE A 277 -21.71 -11.82 2.31
CA ILE A 277 -23.13 -12.05 2.54
C ILE A 277 -23.72 -10.96 3.45
N ARG A 278 -23.02 -10.66 4.54
CA ARG A 278 -23.47 -9.58 5.44
C ARG A 278 -23.51 -8.23 4.77
N MET A 279 -22.52 -7.90 3.91
CA MET A 279 -22.56 -6.65 3.17
C MET A 279 -23.82 -6.54 2.30
N ARG A 280 -24.16 -7.62 1.61
CA ARG A 280 -25.36 -7.64 0.75
C ARG A 280 -26.64 -7.51 1.58
N GLN A 281 -26.67 -8.11 2.75
CA GLN A 281 -27.86 -8.07 3.59
C GLN A 281 -28.04 -6.78 4.33
N ARG A 282 -26.93 -6.14 4.71
CA ARG A 282 -27.01 -5.08 5.71
C ARG A 282 -26.69 -3.70 5.27
N ILE A 283 -25.98 -3.55 4.13
CA ILE A 283 -25.50 -2.23 3.68
C ILE A 283 -26.23 -1.87 2.38
N ILE A 284 -26.84 -0.68 2.36
CA ILE A 284 -27.50 -0.15 1.17
C ILE A 284 -26.47 0.17 0.08
N GLU A 285 -26.75 -0.27 -1.14
CA GLU A 285 -25.86 -0.06 -2.30
C GLU A 285 -24.56 -0.83 -2.19
N GLU A 286 -23.75 -0.79 -3.23
CA GLU A 286 -22.49 -1.52 -3.27
C GLU A 286 -21.33 -0.69 -2.71
N ASN A 287 -20.52 -1.27 -1.84
CA ASN A 287 -19.24 -0.65 -1.51
C ASN A 287 -18.37 -0.50 -2.77
N ARG A 288 -17.58 0.58 -2.79
CA ARG A 288 -16.63 0.81 -3.94
C ARG A 288 -15.28 0.21 -3.65
N TYR A 289 -14.82 0.24 -2.40
CA TYR A 289 -13.49 -0.29 -2.07
C TYR A 289 -13.51 -1.72 -1.49
N LEU A 290 -14.34 -1.89 -0.48
CA LEU A 290 -14.24 -3.03 0.42
C LEU A 290 -15.19 -4.16 0.08
N ASP A 291 -14.63 -5.34 -0.21
CA ASP A 291 -15.36 -6.59 -0.11
C ASP A 291 -14.68 -7.50 0.93
N GLY A 292 -15.21 -8.71 1.12
CA GLY A 292 -14.68 -9.63 2.11
C GLY A 292 -13.23 -10.00 1.91
N LYS A 293 -12.85 -10.33 0.67
CA LYS A 293 -11.45 -10.62 0.41
C LYS A 293 -10.54 -9.43 0.67
N THR A 294 -11.02 -8.23 0.38
CA THR A 294 -10.25 -7.03 0.64
C THR A 294 -9.98 -6.89 2.12
N PHE A 295 -11.01 -7.13 2.92
CA PHE A 295 -10.80 -7.07 4.38
C PHE A 295 -9.78 -8.11 4.87
N VAL A 296 -9.90 -9.31 4.35
CA VAL A 296 -8.97 -10.37 4.72
C VAL A 296 -7.53 -10.00 4.40
N SER A 297 -7.31 -9.50 3.18
CA SER A 297 -6.01 -8.94 2.76
C SER A 297 -5.53 -7.82 3.69
N SER A 298 -6.40 -6.84 3.97
CA SER A 298 -6.05 -5.68 4.81
C SER A 298 -5.64 -6.10 6.20
N SER A 299 -6.25 -7.16 6.70
CA SER A 299 -5.93 -7.66 8.07
C SER A 299 -4.81 -8.67 8.15
N THR A 300 -4.18 -8.95 7.00
CA THR A 300 -3.02 -9.77 6.91
C THR A 300 -1.85 -8.82 6.65
N LEU A 301 -1.17 -8.47 7.72
CA LEU A 301 -0.10 -7.49 7.67
C LEU A 301 1.17 -8.20 7.22
N SER A 302 2.18 -7.42 6.82
CA SER A 302 3.41 -7.99 6.27
C SER A 302 4.27 -8.51 7.39
N LYS A 303 5.24 -9.33 7.04
CA LYS A 303 6.13 -9.95 8.04
C LYS A 303 6.69 -8.94 9.01
N ALA A 304 7.25 -7.85 8.49
CA ALA A 304 7.96 -6.92 9.36
C ALA A 304 7.00 -6.16 10.26
N VAL A 305 5.83 -5.84 9.71
CA VAL A 305 4.83 -5.08 10.48
C VAL A 305 4.23 -5.96 11.56
N ARG A 306 3.92 -7.21 11.21
CA ARG A 306 3.38 -8.18 12.20
C ARG A 306 4.32 -8.39 13.37
N ASN A 307 5.58 -8.60 13.06
CA ASN A 307 6.56 -8.81 14.12
C ASN A 307 6.75 -7.57 14.97
N SER A 308 6.74 -6.41 14.33
CA SER A 308 6.93 -5.15 15.04
C SER A 308 5.76 -4.86 16.00
N LEU A 309 4.53 -5.11 15.57
CA LEU A 309 3.37 -5.04 16.48
C LEU A 309 3.51 -6.00 17.67
N ASN A 310 3.98 -7.22 17.38
N ASN A 310 4.02 -7.20 17.44
CA ASN A 310 4.31 -8.23 18.42
CA ASN A 310 4.21 -8.17 18.53
C ASN A 310 5.29 -7.72 19.45
C ASN A 310 5.47 -8.00 19.39
N ASN A 311 6.39 -7.12 18.98
CA ASN A 311 7.49 -6.65 19.84
C ASN A 311 7.19 -5.35 20.60
N GLU A 312 6.04 -4.71 20.32
CA GLU A 312 5.82 -3.35 20.79
C GLU A 312 5.59 -3.38 22.29
N THR A 313 6.31 -2.54 23.01
CA THR A 313 6.18 -2.46 24.47
C THR A 313 5.47 -1.18 24.95
N HIS A 314 5.49 -0.12 24.14
CA HIS A 314 4.93 1.18 24.54
C HIS A 314 3.41 1.08 24.71
N VAL A 315 2.92 1.70 25.78
CA VAL A 315 1.51 1.75 26.10
C VAL A 315 1.20 3.19 26.50
N TYR A 316 0.20 3.80 25.85
CA TYR A 316 -0.17 5.20 26.15
C TYR A 316 -0.88 5.24 27.49
N THR A 317 -0.43 6.12 28.40
CA THR A 317 -1.00 6.20 29.77
C THR A 317 -1.30 7.65 30.20
N GLU A 318 -2.08 7.80 31.26
CA GLU A 318 -2.31 9.08 31.93
C GLU A 318 -2.90 8.87 33.34
N LYS B 27 16.41 22.59 6.30
CA LYS B 27 16.69 21.69 5.14
C LYS B 27 16.58 22.49 3.85
N SER B 28 17.72 22.77 3.22
CA SER B 28 17.77 23.58 2.02
C SER B 28 17.92 22.80 0.72
N CYS B 29 18.45 21.57 0.75
CA CYS B 29 18.72 20.83 -0.49
C CYS B 29 17.73 19.67 -0.65
N TRP B 30 17.18 19.55 -1.85
CA TRP B 30 16.08 18.63 -2.13
C TRP B 30 16.28 17.89 -3.45
N TYR B 31 15.93 16.62 -3.45
CA TYR B 31 15.71 15.85 -4.66
C TYR B 31 14.23 15.89 -4.96
N GLU B 32 13.84 16.18 -6.18
CA GLU B 32 12.44 16.31 -6.53
C GLU B 32 12.09 15.40 -7.68
N GLU B 33 10.94 14.75 -7.60
CA GLU B 33 10.46 13.89 -8.66
C GLU B 33 8.96 14.06 -8.89
N GLU B 34 8.62 14.15 -10.18
CA GLU B 34 7.25 14.21 -10.62
C GLU B 34 6.79 12.79 -10.76
N ILE B 35 6.06 12.33 -9.74
CA ILE B 35 5.37 11.03 -9.83
C ILE B 35 4.39 11.02 -11.01
N GLU B 36 3.49 12.01 -11.00
CA GLU B 36 2.57 12.36 -12.10
C GLU B 36 2.88 13.81 -12.46
N GLU B 37 2.39 14.32 -13.60
CA GLU B 37 2.65 15.74 -13.94
C GLU B 37 2.01 16.70 -12.94
N ASN B 38 1.11 16.16 -12.11
CA ASN B 38 0.34 16.92 -11.17
C ASN B 38 0.65 16.59 -9.69
N LEU B 39 1.69 15.79 -9.47
CA LEU B 39 2.02 15.35 -8.13
C LEU B 39 3.53 15.24 -8.01
N ARG B 40 4.10 16.01 -7.08
CA ARG B 40 5.56 16.03 -6.87
C ARG B 40 5.92 15.64 -5.46
N TRP B 41 6.96 14.82 -5.39
CA TRP B 41 7.54 14.19 -4.20
C TRP B 41 8.92 14.82 -3.98
N CYS B 42 9.26 15.25 -2.76
CA CYS B 42 10.56 15.86 -2.56
C CYS B 42 11.21 15.21 -1.36
N PHE B 43 12.48 14.82 -1.50
CA PHE B 43 13.27 14.15 -0.44
C PHE B 43 14.42 15.10 -0.08
N ALA B 44 14.64 15.34 1.21
CA ALA B 44 15.80 16.13 1.62
C ALA B 44 17.09 15.34 1.26
N LEU B 45 18.10 16.08 0.79
CA LEU B 45 19.37 15.55 0.26
C LEU B 45 20.50 15.83 1.25
N ASN B 46 21.27 14.79 1.58
CA ASN B 46 22.59 14.94 2.26
C ASN B 46 23.69 15.24 1.25
N SER B 47 23.72 14.54 0.11
CA SER B 47 24.70 14.79 -0.92
C SER B 47 24.38 14.17 -2.25
N ILE B 48 25.12 14.59 -3.27
CA ILE B 48 25.05 14.00 -4.60
C ILE B 48 26.36 13.27 -4.77
N LEU B 49 26.31 11.94 -4.66
CA LEU B 49 27.54 11.15 -4.49
C LEU B 49 28.29 10.93 -5.79
N HIS B 50 27.59 10.49 -6.81
CA HIS B 50 28.27 10.01 -8.03
C HIS B 50 27.32 10.13 -9.19
N THR B 51 27.89 10.19 -10.38
CA THR B 51 27.10 10.23 -11.59
C THR B 51 27.79 9.42 -12.68
N GLY B 52 26.96 9.05 -13.64
CA GLY B 52 27.39 8.59 -14.97
C GLY B 52 26.40 9.05 -16.03
N ALA B 53 26.56 8.49 -17.23
CA ALA B 53 25.61 8.68 -18.30
C ALA B 53 25.98 7.77 -19.44
N SER B 54 24.98 7.26 -20.13
CA SER B 54 25.17 6.61 -21.43
C SER B 54 24.21 7.31 -22.37
N GLN B 55 24.21 6.95 -23.65
CA GLN B 55 23.24 7.56 -24.56
C GLN B 55 21.82 7.06 -24.30
N TYR B 56 21.68 5.98 -23.50
CA TYR B 56 20.38 5.54 -23.00
C TYR B 56 19.82 6.45 -21.91
N GLN B 57 20.64 6.82 -20.93
CA GLN B 57 20.10 7.52 -19.74
C GLN B 57 21.19 8.11 -18.84
N ASP B 58 20.83 9.12 -18.05
CA ASP B 58 21.68 9.73 -17.03
C ASP B 58 21.54 8.90 -15.78
N ILE B 59 22.60 8.90 -14.98
CA ILE B 59 22.70 8.05 -13.82
C ILE B 59 23.17 8.87 -12.66
N ALA B 60 22.49 8.81 -11.51
CA ALA B 60 22.95 9.53 -10.31
C ALA B 60 22.75 8.65 -9.07
N LEU B 61 23.67 8.75 -8.13
CA LEU B 61 23.56 8.17 -6.81
C LEU B 61 23.53 9.31 -5.79
N LEU B 62 22.41 9.37 -5.06
CA LEU B 62 22.16 10.45 -4.12
C LEU B 62 22.16 9.90 -2.73
N ASP B 63 22.56 10.68 -1.75
CA ASP B 63 22.42 10.31 -0.38
C ASP B 63 21.24 11.16 0.14
N THR B 64 20.11 10.50 0.37
CA THR B 64 18.87 11.18 0.84
C THR B 64 18.63 10.92 2.28
N LYS B 65 17.93 11.85 2.93
CA LYS B 65 17.61 11.71 4.34
C LYS B 65 16.56 10.68 4.57
N PRO B 66 15.40 10.75 3.86
CA PRO B 66 14.37 9.75 4.19
C PRO B 66 14.72 8.31 3.77
N PHE B 67 15.37 8.14 2.65
CA PHE B 67 15.50 6.82 2.05
C PHE B 67 16.92 6.30 1.89
N GLY B 68 17.90 6.99 2.48
CA GLY B 68 19.29 6.59 2.28
C GLY B 68 19.79 6.79 0.87
N LYS B 69 20.79 6.00 0.48
CA LYS B 69 21.37 6.10 -0.84
C LYS B 69 20.35 5.69 -1.89
N ALA B 70 20.22 6.51 -2.93
CA ALA B 70 19.22 6.32 -3.96
C ALA B 70 19.83 6.37 -5.34
N LEU B 71 19.44 5.41 -6.18
CA LEU B 71 19.87 5.34 -7.56
C LEU B 71 18.76 5.94 -8.38
N VAL B 72 19.11 6.95 -9.19
CA VAL B 72 18.18 7.70 -10.03
C VAL B 72 18.65 7.56 -11.47
N LEU B 73 17.76 7.06 -12.33
CA LEU B 73 18.04 6.94 -13.75
C LEU B 73 17.10 7.90 -14.51
N ASP B 74 17.65 8.81 -15.31
CA ASP B 74 16.88 9.90 -16.01
C ASP B 74 15.88 10.63 -15.12
N GLY B 75 16.34 10.93 -13.91
CA GLY B 75 15.54 11.62 -12.94
C GLY B 75 14.38 10.85 -12.38
N LYS B 76 14.40 9.51 -12.47
CA LYS B 76 13.38 8.69 -11.80
C LYS B 76 14.11 7.81 -10.83
N LEU B 77 13.70 7.83 -9.55
CA LEU B 77 14.30 6.99 -8.54
C LEU B 77 14.03 5.54 -8.92
N GLN B 78 15.10 4.76 -8.91
CA GLN B 78 15.01 3.33 -9.21
C GLN B 78 15.04 2.45 -8.00
N SER B 79 15.89 2.80 -7.07
CA SER B 79 16.23 1.99 -5.95
C SER B 79 16.61 2.89 -4.81
N ALA B 80 16.03 2.69 -3.64
CA ALA B 80 16.50 3.35 -2.45
C ALA B 80 16.93 2.37 -1.40
N GLU B 81 18.00 2.69 -0.70
CA GLU B 81 18.62 1.79 0.24
C GLU B 81 17.67 1.28 1.32
N THR B 82 16.78 2.14 1.84
CA THR B 82 15.95 1.73 2.94
C THR B 82 14.93 0.68 2.53
N ASP B 83 14.42 0.71 1.30
CA ASP B 83 13.31 -0.18 0.94
C ASP B 83 13.44 -0.98 -0.35
N GLU B 84 14.58 -0.91 -1.03
CA GLU B 84 14.71 -1.73 -2.25
C GLU B 84 14.53 -3.22 -1.97
N PHE B 85 14.85 -3.68 -0.75
CA PHE B 85 14.60 -5.08 -0.38
C PHE B 85 13.16 -5.52 -0.63
N ILE B 86 12.20 -4.60 -0.47
CA ILE B 86 10.82 -4.95 -0.68
C ILE B 86 10.60 -5.29 -2.14
N TYR B 87 11.03 -4.41 -3.04
CA TYR B 87 10.83 -4.61 -4.47
C TYR B 87 11.52 -5.91 -4.92
N HIS B 88 12.76 -6.11 -4.48
CA HIS B 88 13.54 -7.24 -5.01
C HIS B 88 13.10 -8.55 -4.37
N GLU B 89 12.71 -8.56 -3.08
CA GLU B 89 12.15 -9.79 -2.53
C GLU B 89 10.82 -10.16 -3.18
N CYS B 90 9.96 -9.16 -3.44
CA CYS B 90 8.69 -9.42 -4.10
C CYS B 90 8.87 -9.84 -5.56
N LEU B 91 9.83 -9.27 -6.25
CA LEU B 91 10.09 -9.63 -7.63
C LEU B 91 10.60 -11.06 -7.77
N VAL B 92 11.44 -11.50 -6.84
CA VAL B 92 12.19 -12.75 -7.01
C VAL B 92 11.59 -13.96 -6.30
N HIS B 93 11.29 -13.82 -5.01
CA HIS B 93 11.06 -15.02 -4.20
C HIS B 93 9.79 -15.79 -4.52
N PRO B 94 8.65 -15.12 -4.79
CA PRO B 94 7.45 -15.90 -5.10
C PRO B 94 7.67 -16.84 -6.28
N ALA B 95 8.22 -16.33 -7.38
CA ALA B 95 8.49 -17.20 -8.56
C ALA B 95 9.36 -18.41 -8.21
N LEU B 96 10.49 -18.18 -7.55
CA LEU B 96 11.40 -19.32 -7.26
C LEU B 96 10.77 -20.31 -6.28
N LEU B 97 10.00 -19.79 -5.32
CA LEU B 97 9.41 -20.67 -4.31
C LEU B 97 8.30 -21.53 -4.85
N HIS B 98 7.57 -21.06 -5.86
CA HIS B 98 6.55 -21.84 -6.50
C HIS B 98 7.11 -22.91 -7.42
N HIS B 99 8.35 -22.79 -7.81
CA HIS B 99 9.00 -23.76 -8.67
C HIS B 99 9.51 -24.92 -7.80
N PRO B 100 9.45 -26.16 -8.32
CA PRO B 100 9.87 -27.31 -7.48
C PRO B 100 11.39 -27.40 -7.23
N MET B 101 12.18 -26.94 -8.18
CA MET B 101 13.65 -26.98 -8.09
C MET B 101 14.28 -26.08 -9.16
N PRO B 102 14.34 -24.76 -8.90
CA PRO B 102 14.83 -23.82 -9.92
C PRO B 102 16.33 -23.75 -9.90
N LYS B 103 16.96 -24.05 -11.03
CA LYS B 103 18.42 -24.16 -11.15
C LYS B 103 19.03 -23.09 -12.02
N ASN B 104 18.33 -22.67 -13.08
CA ASN B 104 18.85 -21.60 -13.86
C ASN B 104 17.81 -20.56 -14.16
N VAL B 105 18.30 -19.32 -14.17
CA VAL B 105 17.45 -18.15 -14.25
C VAL B 105 18.03 -17.15 -15.21
N PHE B 106 17.17 -16.50 -15.99
CA PHE B 106 17.53 -15.44 -16.92
C PHE B 106 16.81 -14.16 -16.45
N ILE B 107 17.60 -13.10 -16.28
CA ILE B 107 17.04 -11.77 -15.94
C ILE B 107 17.03 -10.88 -17.17
N MET B 108 15.84 -10.35 -17.57
CA MET B 108 15.76 -9.28 -18.52
C MET B 108 15.92 -7.96 -17.78
N GLY B 109 17.05 -7.26 -17.99
CA GLY B 109 17.35 -6.02 -17.26
C GLY B 109 18.09 -6.37 -15.98
N GLY B 110 17.65 -5.79 -14.88
CA GLY B 110 18.28 -6.04 -13.57
C GLY B 110 19.70 -5.51 -13.34
N GLY B 111 20.08 -4.47 -14.10
CA GLY B 111 21.48 -3.97 -14.10
C GLY B 111 22.01 -3.52 -12.76
N GLU B 112 21.13 -3.10 -11.87
CA GLU B 112 21.56 -2.67 -10.54
C GLU B 112 22.21 -3.80 -9.72
N GLY B 113 21.83 -5.05 -9.99
CA GLY B 113 22.44 -6.18 -9.30
C GLY B 113 21.61 -6.79 -8.21
N SER B 114 20.51 -6.10 -7.82
CA SER B 114 19.76 -6.50 -6.65
C SER B 114 18.88 -7.74 -6.90
N THR B 115 18.34 -7.85 -8.10
CA THR B 115 17.61 -9.00 -8.53
C THR B 115 18.52 -10.21 -8.47
N ALA B 116 19.72 -10.09 -9.02
CA ALA B 116 20.67 -11.19 -8.99
C ALA B 116 20.99 -11.55 -7.54
N ARG B 117 21.25 -10.53 -6.70
CA ARG B 117 21.51 -10.77 -5.31
C ARG B 117 20.43 -11.66 -4.65
N GLU B 118 19.15 -11.31 -4.83
CA GLU B 118 18.08 -12.11 -4.23
C GLU B 118 17.99 -13.52 -4.79
N LEU B 119 18.13 -13.66 -6.10
CA LEU B 119 18.22 -14.97 -6.73
C LEU B 119 19.30 -15.85 -6.17
N LEU B 120 20.46 -15.27 -5.96
CA LEU B 120 21.66 -16.01 -5.49
C LEU B 120 21.56 -16.44 -4.01
N ARG B 121 20.58 -15.93 -3.30
CA ARG B 121 20.25 -16.43 -1.97
C ARG B 121 19.66 -17.83 -1.99
N HIS B 122 19.15 -18.27 -3.13
CA HIS B 122 18.54 -19.58 -3.25
C HIS B 122 19.60 -20.65 -3.43
N LYS B 123 19.66 -21.60 -2.52
CA LYS B 123 20.72 -22.62 -2.65
C LYS B 123 20.54 -23.54 -3.86
N THR B 124 19.32 -23.65 -4.40
CA THR B 124 19.05 -24.50 -5.57
C THR B 124 19.71 -23.98 -6.84
N ILE B 125 19.91 -22.68 -6.88
CA ILE B 125 20.37 -22.00 -8.09
C ILE B 125 21.81 -22.36 -8.42
N ASP B 126 22.03 -22.74 -9.69
CA ASP B 126 23.37 -23.02 -10.27
C ASP B 126 23.87 -21.93 -11.22
N LYS B 127 22.96 -21.24 -11.91
CA LYS B 127 23.34 -20.20 -12.86
C LYS B 127 22.29 -19.12 -12.94
N VAL B 128 22.74 -17.87 -12.91
CA VAL B 128 21.93 -16.69 -13.19
C VAL B 128 22.58 -15.96 -14.36
N VAL B 129 21.79 -15.70 -15.39
CA VAL B 129 22.20 -14.83 -16.48
C VAL B 129 21.48 -13.49 -16.35
N MET B 130 22.24 -12.39 -16.35
CA MET B 130 21.69 -11.04 -16.22
C MET B 130 21.95 -10.37 -17.55
N CYS B 131 20.88 -10.08 -18.31
CA CYS B 131 20.95 -9.48 -19.64
C CYS B 131 20.40 -8.05 -19.66
N ASP B 132 21.31 -7.07 -19.69
CA ASP B 132 20.94 -5.65 -19.56
C ASP B 132 21.51 -4.92 -20.79
N ILE B 133 20.76 -3.97 -21.31
CA ILE B 133 21.18 -3.27 -22.52
C ILE B 133 22.29 -2.23 -22.25
N ASP B 134 22.38 -1.73 -21.01
CA ASP B 134 23.20 -0.55 -20.69
C ASP B 134 24.36 -0.94 -19.83
N GLU B 135 25.48 -1.26 -20.48
CA GLU B 135 26.68 -1.64 -19.76
C GLU B 135 27.12 -0.59 -18.73
N GLU B 136 26.87 0.69 -18.98
CA GLU B 136 27.29 1.71 -18.01
C GLU B 136 26.55 1.63 -16.71
N VAL B 137 25.26 1.27 -16.75
CA VAL B 137 24.49 1.09 -15.50
C VAL B 137 25.07 -0.08 -14.71
N VAL B 138 25.36 -1.19 -15.37
CA VAL B 138 25.92 -2.34 -14.71
C VAL B 138 27.24 -2.00 -14.04
N GLU B 139 28.15 -1.39 -14.80
CA GLU B 139 29.46 -1.05 -14.26
C GLU B 139 29.36 -0.05 -13.11
N PHE B 140 28.48 0.95 -13.25
CA PHE B 140 28.27 1.91 -12.16
C PHE B 140 27.83 1.19 -10.90
N CYS B 141 26.82 0.35 -11.04
CA CYS B 141 26.26 -0.34 -9.85
C CYS B 141 27.23 -1.37 -9.26
N LYS B 142 27.99 -2.07 -10.10
CA LYS B 142 28.95 -3.02 -9.59
C LYS B 142 29.98 -2.33 -8.71
N SER B 143 30.34 -1.11 -9.05
CA SER B 143 31.28 -0.32 -8.27
C SER B 143 30.69 0.37 -7.08
N TYR B 144 29.50 0.94 -7.26
CA TYR B 144 28.94 1.83 -6.25
C TYR B 144 27.89 1.25 -5.33
N LEU B 145 27.22 0.17 -5.69
CA LEU B 145 26.19 -0.41 -4.83
C LEU B 145 26.81 -1.59 -4.10
N VAL B 146 27.36 -1.30 -2.91
CA VAL B 146 28.18 -2.28 -2.23
C VAL B 146 27.32 -3.42 -1.68
N VAL B 147 26.04 -3.15 -1.43
CA VAL B 147 25.10 -4.23 -1.06
C VAL B 147 25.13 -5.42 -2.05
N ASN B 148 25.46 -5.17 -3.32
CA ASN B 148 25.48 -6.17 -4.38
C ASN B 148 26.86 -6.65 -4.78
N LYS B 149 27.89 -6.32 -4.00
CA LYS B 149 29.24 -6.68 -4.43
C LYS B 149 29.47 -8.20 -4.47
N GLU B 150 29.04 -8.89 -3.40
N GLU B 150 29.06 -8.95 -3.45
CA GLU B 150 29.04 -10.34 -3.35
CA GLU B 150 29.24 -10.41 -3.50
C GLU B 150 28.38 -10.92 -4.59
C GLU B 150 28.34 -11.06 -4.58
N ALA B 151 27.14 -10.51 -4.81
CA ALA B 151 26.32 -10.98 -5.94
C ALA B 151 27.07 -10.85 -7.25
N PHE B 152 27.64 -9.67 -7.52
CA PHE B 152 28.36 -9.42 -8.79
C PHE B 152 29.62 -10.30 -8.96
N HIS B 153 30.22 -10.71 -7.86
CA HIS B 153 31.42 -11.57 -7.89
C HIS B 153 31.15 -13.08 -7.75
N ASP B 154 29.88 -13.48 -7.69
CA ASP B 154 29.46 -14.86 -7.52
C ASP B 154 29.75 -15.58 -8.82
N SER B 155 30.39 -16.73 -8.74
CA SER B 155 30.76 -17.50 -9.94
C SER B 155 29.54 -18.01 -10.71
N ARG B 156 28.38 -18.04 -10.05
CA ARG B 156 27.15 -18.45 -10.71
C ARG B 156 26.55 -17.37 -11.62
N LEU B 157 27.02 -16.12 -11.48
CA LEU B 157 26.46 -15.00 -12.24
C LEU B 157 27.15 -14.78 -13.55
N GLU B 158 26.40 -14.73 -14.65
CA GLU B 158 26.93 -14.30 -15.93
C GLU B 158 26.22 -13.00 -16.34
N VAL B 159 26.98 -11.95 -16.66
CA VAL B 159 26.43 -10.70 -17.15
C VAL B 159 26.58 -10.66 -18.67
N VAL B 160 25.48 -10.42 -19.38
CA VAL B 160 25.48 -10.27 -20.83
C VAL B 160 24.96 -8.89 -21.17
N ILE B 161 25.65 -8.19 -22.06
CA ILE B 161 25.18 -6.90 -22.51
C ILE B 161 24.52 -7.07 -23.86
N ASN B 162 23.19 -7.05 -23.85
CA ASN B 162 22.40 -7.26 -25.07
C ASN B 162 20.95 -6.89 -24.84
N ASP B 163 20.22 -6.72 -25.94
CA ASP B 163 18.77 -6.76 -25.96
C ASP B 163 18.32 -8.17 -25.57
N ALA B 164 17.39 -8.26 -24.61
CA ALA B 164 16.97 -9.57 -24.10
C ALA B 164 16.27 -10.41 -25.15
N LYS B 165 15.51 -9.80 -26.08
CA LYS B 165 14.86 -10.57 -27.13
C LYS B 165 15.88 -11.21 -28.02
N ALA B 166 16.84 -10.43 -28.45
CA ALA B 166 17.94 -10.94 -29.28
C ALA B 166 18.72 -12.03 -28.57
N GLU B 167 19.00 -11.82 -27.29
CA GLU B 167 19.75 -12.79 -26.50
C GLU B 167 19.03 -14.12 -26.39
N LEU B 168 17.75 -14.09 -26.03
CA LEU B 168 16.95 -15.30 -25.89
C LEU B 168 16.77 -16.04 -27.22
N GLU B 169 16.48 -15.30 -28.28
CA GLU B 169 16.31 -15.94 -29.59
C GLU B 169 17.59 -16.58 -30.11
N GLY B 170 18.74 -16.00 -29.76
CA GLY B 170 20.02 -16.43 -30.27
C GLY B 170 20.59 -17.73 -29.74
N LYS B 171 20.01 -18.26 -28.66
CA LYS B 171 20.50 -19.48 -28.04
C LYS B 171 19.34 -20.42 -27.73
N GLU B 172 19.63 -21.71 -27.62
CA GLU B 172 18.61 -22.69 -27.32
C GLU B 172 18.47 -23.02 -25.84
N GLU B 173 19.34 -22.44 -24.99
CA GLU B 173 19.25 -22.70 -23.56
C GLU B 173 17.89 -22.24 -23.02
N LYS B 174 17.32 -23.09 -22.16
CA LYS B 174 16.05 -22.82 -21.52
C LYS B 174 16.28 -22.60 -20.06
N TYR B 175 15.30 -21.99 -19.39
CA TYR B 175 15.45 -21.58 -18.00
C TYR B 175 14.28 -22.03 -17.17
N ASP B 176 14.54 -22.26 -15.88
CA ASP B 176 13.49 -22.60 -14.93
C ASP B 176 12.63 -21.39 -14.57
N VAL B 177 13.27 -20.24 -14.50
CA VAL B 177 12.57 -18.96 -14.18
C VAL B 177 13.18 -17.88 -15.10
N ILE B 178 12.31 -17.03 -15.67
CA ILE B 178 12.78 -15.84 -16.38
C ILE B 178 12.15 -14.66 -15.65
N VAL B 179 12.98 -13.66 -15.38
CA VAL B 179 12.56 -12.51 -14.59
C VAL B 179 12.60 -11.25 -15.46
N GLY B 180 11.47 -10.55 -15.57
CA GLY B 180 11.42 -9.22 -16.18
C GLY B 180 11.66 -8.13 -15.17
N ASP B 181 12.81 -7.48 -15.26
CA ASP B 181 13.14 -6.36 -14.39
C ASP B 181 13.52 -5.17 -15.27
N LEU B 182 12.57 -4.75 -16.10
CA LEU B 182 12.75 -3.71 -17.09
C LEU B 182 11.92 -2.47 -16.72
N ALA B 183 12.16 -1.36 -17.43
CA ALA B 183 11.30 -0.18 -17.35
C ALA B 183 9.86 -0.53 -17.76
N ASP B 184 8.90 0.27 -17.28
CA ASP B 184 7.50 0.11 -17.67
C ASP B 184 7.34 0.23 -19.21
N PRO B 185 6.42 -0.54 -19.80
CA PRO B 185 6.19 -0.42 -21.26
C PRO B 185 5.64 0.96 -21.73
N ILE B 186 4.94 1.67 -20.86
CA ILE B 186 4.50 3.07 -21.10
C ILE B 186 5.67 3.95 -21.66
N GLU B 187 6.86 3.86 -21.08
CA GLU B 187 8.06 4.59 -21.55
C GLU B 187 8.42 4.30 -23.03
N GLY B 188 8.00 3.15 -23.57
CA GLY B 188 7.85 2.94 -25.03
C GLY B 188 9.10 2.90 -25.92
N GLY B 189 10.25 2.67 -25.30
CA GLY B 189 11.52 2.64 -26.01
C GLY B 189 11.89 1.22 -26.36
N PRO B 190 13.13 0.82 -26.08
CA PRO B 190 13.53 -0.54 -26.41
C PRO B 190 12.87 -1.65 -25.53
N CYS B 191 12.37 -1.30 -24.34
CA CYS B 191 11.67 -2.30 -23.50
C CYS B 191 10.30 -2.71 -23.96
N TYR B 192 9.61 -1.85 -24.70
CA TYR B 192 8.20 -2.10 -24.96
C TYR B 192 7.95 -3.49 -25.58
N LYS B 193 8.83 -3.91 -26.49
CA LYS B 193 8.61 -5.18 -27.17
C LYS B 193 8.70 -6.40 -26.26
N LEU B 194 9.33 -6.23 -25.10
CA LEU B 194 9.47 -7.31 -24.14
C LEU B 194 8.24 -7.50 -23.25
N TYR B 195 7.14 -6.80 -23.53
CA TYR B 195 5.88 -6.97 -22.86
C TYR B 195 4.75 -7.40 -23.80
N THR B 196 5.07 -7.70 -25.08
CA THR B 196 4.03 -7.99 -26.02
C THR B 196 3.65 -9.45 -26.01
N LYS B 197 2.41 -9.70 -26.43
CA LYS B 197 1.89 -11.04 -26.53
C LYS B 197 2.81 -11.96 -27.36
N ASP B 198 3.21 -11.45 -28.52
CA ASP B 198 4.03 -12.26 -29.44
C ASP B 198 5.42 -12.53 -28.87
N PHE B 199 5.99 -11.56 -28.16
CA PHE B 199 7.26 -11.79 -27.48
C PHE B 199 7.10 -12.96 -26.49
N TYR B 200 6.08 -12.89 -25.69
CA TYR B 200 5.86 -13.89 -24.65
C TYR B 200 5.60 -15.26 -25.25
N GLU B 201 4.74 -15.30 -26.26
CA GLU B 201 4.37 -16.57 -26.90
C GLU B 201 5.46 -17.23 -27.70
N LEU B 202 6.14 -16.45 -28.52
CA LEU B 202 7.05 -16.97 -29.53
C LEU B 202 8.51 -16.88 -29.18
N THR B 203 8.89 -16.03 -28.23
CA THR B 203 10.30 -15.89 -27.85
C THR B 203 10.54 -16.39 -26.47
N LEU B 204 9.72 -15.94 -25.50
CA LEU B 204 10.03 -16.29 -24.10
C LEU B 204 9.58 -17.71 -23.73
N LYS B 205 8.32 -18.05 -24.01
CA LYS B 205 7.77 -19.35 -23.57
C LYS B 205 8.59 -20.54 -24.10
N PRO B 206 9.08 -20.46 -25.36
CA PRO B 206 9.97 -21.53 -25.87
C PRO B 206 11.26 -21.68 -25.11
N LYS B 207 11.68 -20.66 -24.38
CA LYS B 207 12.90 -20.75 -23.60
C LYS B 207 12.66 -20.99 -22.12
N LEU B 208 11.45 -21.38 -21.74
CA LEU B 208 11.19 -21.90 -20.39
C LEU B 208 11.16 -23.43 -20.38
N LYS B 209 11.81 -24.00 -19.37
CA LYS B 209 11.76 -25.43 -19.11
C LYS B 209 10.41 -25.90 -18.59
N LYS B 210 10.24 -27.23 -18.52
CA LYS B 210 9.01 -27.82 -17.99
C LYS B 210 8.83 -27.29 -16.57
N GLY B 211 7.64 -26.78 -16.25
CA GLY B 211 7.39 -26.18 -14.96
C GLY B 211 7.93 -24.75 -14.83
N GLY B 212 8.34 -24.15 -15.95
CA GLY B 212 8.99 -22.83 -15.91
C GLY B 212 8.04 -21.76 -15.44
N ILE B 213 8.58 -20.74 -14.80
CA ILE B 213 7.75 -19.63 -14.29
C ILE B 213 8.33 -18.36 -14.84
N PHE B 214 7.48 -17.49 -15.39
CA PHE B 214 7.86 -16.12 -15.74
C PHE B 214 7.38 -15.18 -14.60
N VAL B 215 8.19 -14.20 -14.25
CA VAL B 215 7.70 -13.08 -13.39
C VAL B 215 8.18 -11.79 -13.99
N THR B 216 7.32 -10.77 -14.01
CA THR B 216 7.73 -9.44 -14.41
C THR B 216 7.26 -8.42 -13.42
N GLN B 217 8.08 -7.39 -13.20
CA GLN B 217 7.56 -6.18 -12.61
C GLN B 217 6.48 -5.62 -13.53
N ALA B 218 5.50 -4.97 -12.92
CA ALA B 218 4.31 -4.56 -13.69
C ALA B 218 3.76 -3.19 -13.31
N GLY B 219 4.62 -2.28 -12.90
CA GLY B 219 4.34 -0.90 -12.77
C GLY B 219 3.53 -0.58 -11.54
N PRO B 220 3.06 0.68 -11.47
CA PRO B 220 2.19 1.06 -10.36
C PRO B 220 0.95 0.13 -10.24
N ALA B 221 0.54 -0.12 -9.02
CA ALA B 221 -0.61 -0.98 -8.76
C ALA B 221 -1.58 -0.34 -7.72
N GLY B 222 -1.60 0.98 -7.72
CA GLY B 222 -2.48 1.73 -6.85
C GLY B 222 -3.94 1.67 -7.29
N ILE B 223 -4.81 2.10 -6.38
CA ILE B 223 -6.27 2.01 -6.65
C ILE B 223 -6.65 2.64 -8.00
N PHE B 224 -6.02 3.77 -8.36
CA PHE B 224 -6.19 4.38 -9.66
C PHE B 224 -5.01 4.15 -10.59
N SER B 225 -3.81 4.12 -10.05
CA SER B 225 -2.63 4.05 -10.92
C SER B 225 -2.49 2.71 -11.61
N HIS B 226 -3.15 1.66 -11.11
CA HIS B 226 -3.00 0.30 -11.69
C HIS B 226 -3.46 0.18 -13.16
N THR B 227 -4.30 1.13 -13.64
CA THR B 227 -4.81 1.00 -14.99
C THR B 227 -3.81 1.40 -16.06
N GLU B 228 -2.74 2.14 -15.72
CA GLU B 228 -1.73 2.59 -16.73
C GLU B 228 -1.04 1.40 -17.40
N VAL B 229 -0.43 0.53 -16.59
CA VAL B 229 0.20 -0.68 -17.14
C VAL B 229 -0.04 -2.00 -16.44
N PHE B 230 -0.28 -1.99 -15.13
CA PHE B 230 -0.44 -3.23 -14.37
C PHE B 230 -1.54 -4.10 -14.94
N SER B 231 -2.73 -3.51 -15.13
CA SER B 231 -3.86 -4.26 -15.71
C SER B 231 -3.60 -4.79 -17.12
N CYS B 232 -2.92 -4.00 -17.93
CA CYS B 232 -2.55 -4.36 -19.31
C CYS B 232 -1.54 -5.50 -19.36
N ILE B 233 -0.55 -5.44 -18.48
CA ILE B 233 0.46 -6.52 -18.38
C ILE B 233 -0.20 -7.82 -17.93
N TYR B 234 -1.05 -7.74 -16.90
CA TYR B 234 -1.86 -8.87 -16.49
C TYR B 234 -2.65 -9.50 -17.65
N ASN B 235 -3.35 -8.68 -18.39
CA ASN B 235 -4.22 -9.22 -19.41
C ASN B 235 -3.43 -9.79 -20.57
N THR B 236 -2.36 -9.12 -20.93
CA THR B 236 -1.46 -9.64 -21.99
C THR B 236 -0.93 -11.00 -21.60
N LEU B 237 -0.41 -11.15 -20.36
CA LEU B 237 0.00 -12.48 -19.89
C LEU B 237 -1.12 -13.51 -19.86
N ARG B 238 -2.34 -13.08 -19.58
CA ARG B 238 -3.47 -13.99 -19.56
C ARG B 238 -3.73 -14.57 -20.95
N GLN B 239 -3.25 -13.91 -22.01
CA GLN B 239 -3.47 -14.45 -23.38
C GLN B 239 -2.50 -15.56 -23.73
N VAL B 240 -1.41 -15.70 -22.96
CA VAL B 240 -0.33 -16.59 -23.27
C VAL B 240 -0.19 -17.75 -22.29
N PHE B 241 -0.33 -17.51 -20.98
CA PHE B 241 -0.12 -18.55 -19.99
C PHE B 241 -1.43 -18.95 -19.32
N LYS B 242 -1.51 -20.21 -18.90
CA LYS B 242 -2.71 -20.69 -18.19
C LYS B 242 -2.94 -20.09 -16.82
N TYR B 243 -1.86 -20.02 -16.02
CA TYR B 243 -1.96 -19.53 -14.66
C TYR B 243 -1.23 -18.18 -14.55
N VAL B 244 -1.95 -17.14 -14.09
CA VAL B 244 -1.39 -15.78 -14.03
C VAL B 244 -1.83 -15.20 -12.69
N VAL B 245 -0.87 -14.80 -11.87
CA VAL B 245 -1.12 -14.35 -10.49
C VAL B 245 -0.50 -12.95 -10.34
N PRO B 246 -1.33 -11.91 -10.35
CA PRO B 246 -0.90 -10.55 -10.10
C PRO B 246 -0.83 -10.33 -8.58
N TYR B 247 0.12 -9.53 -8.18
CA TYR B 247 0.31 -9.24 -6.75
C TYR B 247 0.99 -7.93 -6.56
N SER B 248 0.86 -7.33 -5.37
CA SER B 248 1.34 -5.97 -5.19
C SER B 248 1.78 -5.68 -3.77
N ALA B 249 2.53 -4.60 -3.56
CA ALA B 249 3.02 -4.24 -2.22
C ALA B 249 3.47 -2.83 -2.25
N HIS B 250 3.30 -2.14 -1.13
CA HIS B 250 3.71 -0.74 -1.05
C HIS B 250 5.21 -0.61 -0.99
N ILE B 251 5.75 0.35 -1.75
CA ILE B 251 7.18 0.70 -1.65
C ILE B 251 7.30 2.21 -1.33
N PRO B 252 7.69 2.56 -0.11
CA PRO B 252 7.61 3.95 0.30
C PRO B 252 8.34 4.90 -0.65
N SER B 253 9.52 4.52 -1.10
CA SER B 253 10.33 5.39 -1.95
C SER B 253 9.79 5.55 -3.34
N TYR B 254 8.87 4.69 -3.74
CA TYR B 254 8.16 4.80 -5.02
C TYR B 254 6.93 5.65 -4.93
N ALA B 255 6.50 5.99 -3.72
CA ALA B 255 5.28 6.71 -3.43
C ALA B 255 4.00 6.06 -3.98
N ASP B 256 3.94 4.72 -4.02
CA ASP B 256 2.78 4.02 -4.53
C ASP B 256 2.91 2.54 -4.18
N ILE B 257 1.80 1.85 -4.38
CA ILE B 257 1.74 0.43 -4.42
C ILE B 257 2.40 0.05 -5.78
N TRP B 258 3.26 -0.95 -5.75
CA TRP B 258 3.88 -1.50 -6.95
C TRP B 258 3.37 -2.90 -7.24
N GLY B 259 3.42 -3.32 -8.51
CA GLY B 259 2.92 -4.61 -8.90
C GLY B 259 3.92 -5.50 -9.62
N TRP B 260 3.62 -6.79 -9.57
CA TRP B 260 4.35 -7.88 -10.27
C TRP B 260 3.33 -8.89 -10.73
N VAL B 261 3.68 -9.68 -11.74
CA VAL B 261 2.80 -10.74 -12.20
C VAL B 261 3.62 -11.99 -12.42
N LEU B 262 3.21 -13.11 -11.76
CA LEU B 262 3.68 -14.48 -12.07
C LEU B 262 2.88 -15.09 -13.19
N ALA B 263 3.53 -15.85 -14.07
CA ALA B 263 2.81 -16.55 -15.11
C ALA B 263 3.47 -17.88 -15.36
N SER B 264 2.67 -18.91 -15.54
CA SER B 264 3.21 -20.25 -15.75
C SER B 264 2.15 -21.14 -16.39
N ASP B 265 2.62 -22.20 -17.03
CA ASP B 265 1.69 -23.24 -17.51
C ASP B 265 1.48 -24.36 -16.51
N SER B 266 2.18 -24.30 -15.38
CA SER B 266 1.96 -25.18 -14.24
C SER B 266 1.35 -24.37 -13.11
N PRO B 267 0.61 -25.04 -12.20
CA PRO B 267 -0.12 -24.24 -11.21
C PRO B 267 0.75 -23.38 -10.30
N LEU B 268 0.15 -22.30 -9.82
CA LEU B 268 0.78 -21.37 -8.89
C LEU B 268 -0.13 -21.19 -7.65
N ASP B 269 -0.15 -22.18 -6.76
CA ASP B 269 -1.18 -22.23 -5.71
C ASP B 269 -0.57 -22.93 -4.52
N LEU B 270 0.30 -22.24 -3.83
CA LEU B 270 0.86 -22.75 -2.60
C LEU B 270 0.29 -21.99 -1.45
N SER B 271 0.12 -22.68 -0.33
CA SER B 271 -0.31 -22.04 0.90
C SER B 271 0.83 -21.20 1.47
N ALA B 272 0.45 -20.28 2.37
CA ALA B 272 1.41 -19.54 3.18
C ALA B 272 2.43 -20.44 3.87
N GLU B 273 1.96 -21.52 4.50
CA GLU B 273 2.85 -22.37 5.28
C GLU B 273 3.84 -23.12 4.39
N GLU B 274 3.38 -23.56 3.22
CA GLU B 274 4.25 -24.27 2.30
C GLU B 274 5.31 -23.34 1.74
N LEU B 275 4.91 -22.09 1.47
CA LEU B 275 5.90 -21.09 1.10
C LEU B 275 6.94 -20.89 2.21
N ASP B 276 6.50 -20.79 3.48
CA ASP B 276 7.45 -20.61 4.60
C ASP B 276 8.42 -21.77 4.74
N ILE B 277 7.91 -22.96 4.56
CA ILE B 277 8.73 -24.18 4.59
C ILE B 277 9.81 -24.17 3.54
N ARG B 278 9.41 -23.80 2.32
CA ARG B 278 10.37 -23.65 1.22
C ARG B 278 11.40 -22.57 1.46
N MET B 279 10.98 -21.44 2.05
CA MET B 279 11.94 -20.38 2.35
C MET B 279 13.00 -20.82 3.34
N ARG B 280 12.56 -21.48 4.41
CA ARG B 280 13.46 -22.01 5.40
C ARG B 280 14.42 -23.04 4.82
N GLN B 281 13.93 -23.90 3.92
CA GLN B 281 14.80 -24.92 3.33
C GLN B 281 15.77 -24.33 2.31
N ARG B 282 15.31 -23.38 1.49
CA ARG B 282 16.03 -23.00 0.29
C ARG B 282 16.77 -21.68 0.29
N ILE B 283 16.37 -20.75 1.14
CA ILE B 283 16.90 -19.40 1.03
C ILE B 283 17.88 -19.19 2.18
N ILE B 284 19.09 -18.73 1.84
CA ILE B 284 20.13 -18.32 2.82
C ILE B 284 19.65 -17.02 3.53
N GLU B 285 19.71 -17.00 4.86
CA GLU B 285 19.22 -15.89 5.70
C GLU B 285 17.71 -15.66 5.63
N GLU B 286 17.22 -14.90 6.59
CA GLU B 286 15.78 -14.62 6.70
C GLU B 286 15.43 -13.50 5.76
N ASN B 287 14.32 -13.65 5.05
CA ASN B 287 13.75 -12.51 4.31
C ASN B 287 13.34 -11.40 5.27
N ARG B 288 13.50 -10.16 4.81
CA ARG B 288 13.16 -8.97 5.54
C ARG B 288 11.71 -8.54 5.35
N TYR B 289 11.16 -8.78 4.16
CA TYR B 289 9.81 -8.36 3.85
C TYR B 289 8.86 -9.54 3.73
N LEU B 290 9.27 -10.57 3.01
CA LEU B 290 8.34 -11.55 2.49
C LEU B 290 8.33 -12.86 3.30
N ASP B 291 7.19 -13.17 3.92
CA ASP B 291 6.85 -14.52 4.38
C ASP B 291 5.62 -14.98 3.61
N GLY B 292 5.20 -16.23 3.87
CA GLY B 292 4.08 -16.78 3.11
C GLY B 292 2.79 -16.01 3.23
N LYS B 293 2.46 -15.61 4.45
CA LYS B 293 1.26 -14.82 4.65
C LYS B 293 1.30 -13.48 3.91
N THR B 294 2.47 -12.87 3.87
CA THR B 294 2.64 -11.60 3.12
C THR B 294 2.33 -11.84 1.65
N PHE B 295 2.84 -12.94 1.09
CA PHE B 295 2.55 -13.22 -0.30
C PHE B 295 1.08 -13.44 -0.55
N VAL B 296 0.43 -14.22 0.30
CA VAL B 296 -1.02 -14.42 0.17
C VAL B 296 -1.78 -13.09 0.23
N SER B 297 -1.42 -12.21 1.17
CA SER B 297 -2.00 -10.87 1.26
C SER B 297 -1.76 -10.06 -0.02
N SER B 298 -0.50 -10.08 -0.48
CA SER B 298 -0.11 -9.38 -1.74
C SER B 298 -0.89 -9.81 -2.95
N SER B 299 -1.19 -11.09 -3.00
CA SER B 299 -1.88 -11.67 -4.15
C SER B 299 -3.42 -11.61 -4.00
N THR B 300 -3.89 -10.96 -2.96
CA THR B 300 -5.30 -10.72 -2.79
C THR B 300 -5.50 -9.24 -3.04
N LEU B 301 -5.89 -8.91 -4.25
CA LEU B 301 -6.04 -7.51 -4.64
C LEU B 301 -7.40 -6.99 -4.10
N SER B 302 -7.55 -5.67 -4.08
CA SER B 302 -8.79 -5.07 -3.60
C SER B 302 -9.90 -5.25 -4.62
N LYS B 303 -11.14 -5.02 -4.16
CA LYS B 303 -12.30 -5.22 -5.02
C LYS B 303 -12.17 -4.56 -6.39
N ALA B 304 -11.81 -3.29 -6.36
CA ALA B 304 -11.83 -2.50 -7.56
C ALA B 304 -10.70 -2.91 -8.46
N VAL B 305 -9.55 -3.26 -7.89
CA VAL B 305 -8.39 -3.63 -8.70
C VAL B 305 -8.62 -5.01 -9.34
N ARG B 306 -9.15 -5.93 -8.55
CA ARG B 306 -9.54 -7.25 -9.07
C ARG B 306 -10.49 -7.17 -10.27
N ASN B 307 -11.50 -6.34 -10.13
CA ASN B 307 -12.53 -6.25 -11.17
C ASN B 307 -11.97 -5.57 -12.44
N SER B 308 -11.12 -4.58 -12.21
CA SER B 308 -10.48 -3.83 -13.27
C SER B 308 -9.54 -4.73 -14.08
N LEU B 309 -8.75 -5.56 -13.40
CA LEU B 309 -7.93 -6.59 -14.05
C LEU B 309 -8.79 -7.62 -14.78
N ASN B 310 -9.84 -8.11 -14.12
CA ASN B 310 -10.76 -9.08 -14.74
C ASN B 310 -11.35 -8.57 -16.07
N ASN B 311 -11.74 -7.30 -16.10
CA ASN B 311 -12.35 -6.69 -17.29
C ASN B 311 -11.41 -6.06 -18.31
N GLU B 312 -10.10 -6.13 -18.07
CA GLU B 312 -9.16 -5.48 -18.96
C GLU B 312 -9.20 -6.21 -20.30
N THR B 313 -9.26 -5.44 -21.38
CA THR B 313 -9.13 -5.96 -22.75
C THR B 313 -7.88 -5.54 -23.51
N HIS B 314 -7.12 -4.54 -23.04
CA HIS B 314 -5.90 -4.15 -23.74
C HIS B 314 -4.86 -5.30 -23.74
N VAL B 315 -4.26 -5.52 -24.91
CA VAL B 315 -3.17 -6.47 -25.07
C VAL B 315 -2.03 -5.72 -25.76
N TYR B 316 -0.83 -5.83 -25.19
CA TYR B 316 0.35 -5.23 -25.81
C TYR B 316 0.76 -6.05 -27.06
N THR B 317 0.91 -5.38 -28.20
CA THR B 317 1.39 -5.98 -29.46
C THR B 317 2.31 -4.98 -30.18
N GLU B 318 3.11 -5.45 -31.14
CA GLU B 318 3.94 -4.52 -31.94
C GLU B 318 3.23 -4.07 -33.22
MG MG C . -8.94 12.60 9.51
C1 EDO D . 10.68 2.02 -10.28
O1 EDO D . 11.14 1.48 -11.51
C2 EDO D . 10.08 3.36 -10.62
O2 EDO D . 9.38 3.97 -9.52
MG MG E . 8.58 5.96 -9.92
#